data_9JNI
#
_entry.id   9JNI
#
_cell.length_a   97.592
_cell.length_b   97.592
_cell.length_c   97.592
_cell.angle_alpha   90.000
_cell.angle_beta   90.000
_cell.angle_gamma   90.000
#
_symmetry.space_group_name_H-M   'P 43 3 2'
#
loop_
_entity.id
_entity.type
_entity.pdbx_description
1 polymer 'E3 ubiquitin-protein ligase KCMF1'
2 polymer ARG-OCS-LYS-GLY
3 non-polymer 'ZINC ION'
4 water water
#
loop_
_entity_poly.entity_id
_entity_poly.type
_entity_poly.pdbx_seq_one_letter_code
_entity_poly.pdbx_strand_id
1 'polypeptide(L)'
;SRHEGVSCDACLKGNFRGRRYKCLICYDYDLCASCYESGATTTRHTTDHPMQCIGGGGSFTCPYCGKMGYTETSLQEHVT
SEHAETSTEVICPICAALPGGDPNHVTDDFAAHLTLEHRAPRDL
;
A
2 'polypeptide(L)' R(OCS)KG B
#
loop_
_chem_comp.id
_chem_comp.type
_chem_comp.name
_chem_comp.formula
ZN non-polymer 'ZINC ION' 'Zn 2'
#
# COMPACT_ATOMS: atom_id res chain seq x y z
N SER A 1 -2.78 2.30 3.06
CA SER A 1 -2.43 2.25 1.64
C SER A 1 -3.15 1.04 0.96
N ARG A 2 -3.45 1.17 -0.32
CA ARG A 2 -4.11 0.10 -1.05
C ARG A 2 -3.10 -0.69 -1.88
N HIS A 3 -3.32 -2.01 -1.97
CA HIS A 3 -2.48 -2.89 -2.77
C HIS A 3 -3.02 -2.83 -4.20
N GLU A 4 -2.51 -1.87 -4.98
CA GLU A 4 -3.06 -1.64 -6.32
C GLU A 4 -2.71 -2.80 -7.23
N GLY A 5 -3.71 -3.28 -7.93
CA GLY A 5 -3.59 -4.39 -8.83
C GLY A 5 -3.77 -5.76 -8.22
N VAL A 6 -3.95 -5.84 -6.90
CA VAL A 6 -4.06 -7.11 -6.20
C VAL A 6 -5.52 -7.36 -5.83
N SER A 7 -5.97 -8.57 -6.08
CA SER A 7 -7.31 -9.02 -5.70
C SER A 7 -7.20 -10.26 -4.82
N CYS A 8 -8.10 -10.36 -3.84
CA CYS A 8 -8.18 -11.48 -2.93
C CYS A 8 -8.83 -12.67 -3.63
N ASP A 9 -8.17 -13.80 -3.61
CA ASP A 9 -8.69 -14.99 -4.28
C ASP A 9 -9.87 -15.61 -3.57
N ALA A 10 -10.19 -15.21 -2.34
CA ALA A 10 -11.33 -15.78 -1.64
C ALA A 10 -12.60 -14.92 -1.74
N CYS A 11 -12.50 -13.65 -1.44
CA CYS A 11 -13.66 -12.76 -1.48
C CYS A 11 -13.75 -11.91 -2.73
N LEU A 12 -12.71 -11.89 -3.56
CA LEU A 12 -12.65 -11.18 -4.82
C LEU A 12 -12.57 -9.68 -4.69
N LYS A 13 -12.39 -9.13 -3.49
CA LYS A 13 -12.21 -7.69 -3.43
C LYS A 13 -10.82 -7.34 -3.98
N GLY A 14 -10.71 -6.17 -4.58
CA GLY A 14 -9.47 -5.75 -5.19
C GLY A 14 -9.01 -4.40 -4.70
N ASN A 15 -7.72 -4.14 -4.95
CA ASN A 15 -7.08 -2.92 -4.51
C ASN A 15 -7.42 -2.69 -3.05
N PHE A 16 -7.31 -3.74 -2.26
CA PHE A 16 -7.73 -3.64 -0.86
C PHE A 16 -6.69 -3.00 0.05
N ARG A 17 -7.21 -2.43 1.15
CA ARG A 17 -6.41 -1.81 2.19
C ARG A 17 -6.01 -2.89 3.17
N GLY A 18 -4.98 -2.60 3.94
CA GLY A 18 -4.49 -3.52 4.94
C GLY A 18 -3.31 -4.37 4.48
N ARG A 19 -3.06 -5.43 5.22
CA ARG A 19 -1.99 -6.34 4.87
C ARG A 19 -2.46 -7.30 3.80
N ARG A 20 -1.53 -7.67 2.94
CA ARG A 20 -1.67 -8.59 1.82
C ARG A 20 -0.89 -9.84 2.18
N TYR A 21 -1.52 -10.99 1.98
CA TYR A 21 -0.92 -12.28 2.27
C TYR A 21 -0.80 -13.06 0.96
N LYS A 22 0.43 -13.30 0.57
CA LYS A 22 0.75 -14.03 -0.67
C LYS A 22 1.13 -15.46 -0.35
N CYS A 23 0.46 -16.41 -1.02
CA CYS A 23 0.83 -17.81 -0.87
C CYS A 23 2.14 -18.06 -1.60
N LEU A 24 3.00 -18.84 -0.98
CA LEU A 24 4.29 -19.19 -1.58
C LEU A 24 4.28 -20.56 -2.21
N ILE A 25 3.13 -21.20 -2.25
CA ILE A 25 2.95 -22.49 -2.90
C ILE A 25 2.02 -22.37 -4.09
N CYS A 26 0.85 -21.76 -3.91
CA CYS A 26 -0.07 -21.54 -5.02
C CYS A 26 0.40 -20.42 -5.94
N TYR A 27 0.13 -20.56 -7.23
CA TYR A 27 0.54 -19.54 -8.19
C TYR A 27 -0.39 -18.34 -8.13
N ASP A 28 0.19 -17.16 -8.02
CA ASP A 28 -0.50 -15.85 -8.07
C ASP A 28 -1.73 -15.80 -7.15
N TYR A 29 -1.55 -16.21 -5.92
CA TYR A 29 -2.63 -16.40 -4.97
C TYR A 29 -2.40 -15.45 -3.80
N ASP A 30 -3.39 -14.60 -3.55
CA ASP A 30 -3.32 -13.59 -2.51
C ASP A 30 -4.62 -13.59 -1.72
N LEU A 31 -4.52 -13.21 -0.46
CA LEU A 31 -5.67 -13.08 0.39
C LEU A 31 -5.58 -11.73 1.11
N CYS A 32 -6.72 -11.07 1.28
CA CYS A 32 -6.79 -9.90 2.13
C CYS A 32 -6.70 -10.36 3.59
N ALA A 33 -6.46 -9.39 4.48
CA ALA A 33 -6.26 -9.72 5.89
C ALA A 33 -7.45 -10.46 6.48
N SER A 34 -8.66 -10.03 6.14
CA SER A 34 -9.86 -10.66 6.68
C SER A 34 -9.94 -12.12 6.27
N CYS A 35 -9.71 -12.41 4.98
CA CYS A 35 -9.80 -13.79 4.52
C CYS A 35 -8.68 -14.63 5.10
N TYR A 36 -7.48 -14.07 5.22
CA TYR A 36 -6.37 -14.80 5.83
C TYR A 36 -6.68 -15.17 7.28
N GLU A 37 -7.00 -14.17 8.09
CA GLU A 37 -7.17 -14.42 9.53
C GLU A 37 -8.34 -15.37 9.79
N SER A 38 -9.35 -15.37 8.92
CA SER A 38 -10.49 -16.23 9.15
C SER A 38 -10.30 -17.64 8.57
N GLY A 39 -9.14 -17.93 7.98
CA GLY A 39 -8.89 -19.27 7.45
C GLY A 39 -9.60 -19.55 6.15
N ALA A 40 -9.88 -18.54 5.37
CA ALA A 40 -10.55 -18.79 4.09
C ALA A 40 -9.64 -19.56 3.15
N THR A 41 -10.25 -20.46 2.37
CA THR A 41 -9.55 -21.23 1.34
C THR A 41 -10.40 -21.29 0.08
N THR A 42 -9.73 -21.38 -1.06
CA THR A 42 -10.36 -21.52 -2.36
C THR A 42 -9.40 -22.29 -3.24
N THR A 43 -9.97 -23.02 -4.21
CA THR A 43 -9.26 -23.83 -5.22
C THR A 43 -8.28 -24.75 -4.50
N ARG A 44 -7.01 -24.72 -4.83
CA ARG A 44 -6.01 -25.59 -4.26
C ARG A 44 -5.30 -25.04 -3.03
N HIS A 45 -5.80 -23.99 -2.41
CA HIS A 45 -5.12 -23.40 -1.28
C HIS A 45 -5.63 -24.04 0.00
N THR A 46 -4.71 -24.25 0.91
CA THR A 46 -5.01 -24.77 2.24
C THR A 46 -4.39 -23.84 3.27
N THR A 47 -4.90 -23.90 4.50
CA THR A 47 -4.34 -23.04 5.54
C THR A 47 -2.97 -23.47 6.01
N ASP A 48 -2.49 -24.63 5.61
CA ASP A 48 -1.13 -25.04 5.91
C ASP A 48 -0.09 -24.38 5.01
N HIS A 49 -0.52 -23.71 3.96
CA HIS A 49 0.45 -23.16 2.98
C HIS A 49 1.19 -21.98 3.58
N PRO A 50 2.51 -21.92 3.49
CA PRO A 50 3.22 -20.71 3.93
C PRO A 50 2.81 -19.49 3.13
N MET A 51 2.75 -18.37 3.81
CA MET A 51 2.33 -17.12 3.21
C MET A 51 3.27 -16.01 3.66
N GLN A 52 3.46 -15.06 2.74
CA GLN A 52 4.31 -13.91 2.95
C GLN A 52 3.42 -12.71 3.13
N CYS A 53 3.67 -11.98 4.21
CA CYS A 53 2.95 -10.76 4.50
C CYS A 53 3.66 -9.65 3.75
N ILE A 54 2.91 -8.92 2.94
CA ILE A 54 3.42 -7.82 2.15
C ILE A 54 2.74 -6.56 2.62
N GLY A 55 3.53 -5.53 2.87
CA GLY A 55 2.89 -4.38 3.43
C GLY A 55 3.72 -3.15 3.65
N GLY A 56 3.54 -2.58 4.84
CA GLY A 56 4.10 -1.29 5.16
C GLY A 56 5.58 -1.32 5.51
N GLY A 57 5.98 -0.35 6.31
CA GLY A 57 7.35 -0.11 6.66
C GLY A 57 7.87 1.03 5.82
N GLY A 58 9.17 1.28 5.95
CA GLY A 58 9.71 2.32 5.13
C GLY A 58 9.94 3.66 5.79
N SER A 59 11.02 4.33 5.38
CA SER A 59 11.27 5.72 5.71
C SER A 59 11.07 6.43 4.38
N PHE A 60 10.54 7.63 4.42
CA PHE A 60 10.19 8.36 3.21
C PHE A 60 10.79 9.72 3.22
N THR A 61 10.98 10.23 2.02
CA THR A 61 11.51 11.56 1.76
C THR A 61 10.35 12.52 1.51
N CYS A 62 10.43 13.71 2.09
CA CYS A 62 9.44 14.73 1.78
C CYS A 62 9.66 15.28 0.38
N PRO A 63 8.67 15.25 -0.51
CA PRO A 63 8.92 15.67 -1.90
C PRO A 63 9.08 17.18 -2.08
N TYR A 64 8.75 17.97 -1.07
CA TYR A 64 8.79 19.41 -1.17
C TYR A 64 10.10 20.05 -0.69
N CYS A 65 10.69 19.52 0.38
CA CYS A 65 11.94 20.05 0.89
C CYS A 65 13.08 19.04 0.87
N GLY A 66 12.82 17.77 0.62
CA GLY A 66 13.92 16.83 0.47
C GLY A 66 14.42 16.22 1.77
N LYS A 67 13.85 16.59 2.91
CA LYS A 67 14.24 15.95 4.15
C LYS A 67 13.83 14.50 4.12
N MET A 68 14.66 13.66 4.73
CA MET A 68 14.48 12.24 4.66
C MET A 68 14.21 11.65 6.04
N GLY A 69 13.81 10.37 6.04
CA GLY A 69 13.63 9.61 7.25
C GLY A 69 12.30 9.70 7.93
N TYR A 70 11.22 10.04 7.22
CA TYR A 70 9.89 10.06 7.81
C TYR A 70 9.26 8.68 7.75
N THR A 71 8.42 8.39 8.72
CA THR A 71 7.43 7.33 8.62
C THR A 71 6.22 7.87 7.89
N GLU A 72 5.30 6.97 7.55
CA GLU A 72 4.06 7.44 6.91
C GLU A 72 3.36 8.46 7.81
N THR A 73 3.21 8.13 9.10
CA THR A 73 2.54 9.08 9.99
C THR A 73 3.31 10.38 10.11
N SER A 74 4.61 10.29 10.40
CA SER A 74 5.35 11.53 10.58
C SER A 74 5.45 12.33 9.29
N LEU A 75 5.40 11.66 8.13
CA LEU A 75 5.38 12.41 6.87
C LEU A 75 4.13 13.26 6.76
N GLN A 76 2.98 12.67 7.06
CA GLN A 76 1.73 13.42 6.95
C GLN A 76 1.72 14.63 7.88
N GLU A 77 2.20 14.46 9.13
CA GLU A 77 2.20 15.60 10.04
C GLU A 77 3.15 16.69 9.53
N HIS A 78 4.32 16.28 9.07
CA HIS A 78 5.24 17.25 8.49
C HIS A 78 4.62 17.98 7.30
N VAL A 79 3.94 17.26 6.42
CA VAL A 79 3.44 17.92 5.22
C VAL A 79 2.25 18.81 5.56
N THR A 80 1.26 18.25 6.26
CA THR A 80 0.08 19.03 6.59
C THR A 80 0.41 20.28 7.40
N SER A 81 1.64 20.40 7.93
CA SER A 81 2.01 21.56 8.72
C SER A 81 2.87 22.57 7.98
N GLU A 82 3.99 22.14 7.37
CA GLU A 82 4.92 23.06 6.74
C GLU A 82 4.75 23.19 5.22
N HIS A 83 4.00 22.28 4.60
CA HIS A 83 3.72 22.35 3.17
C HIS A 83 2.20 22.19 3.18
N ALA A 84 1.49 23.28 3.43
CA ALA A 84 0.05 23.19 3.60
C ALA A 84 -0.68 23.51 2.32
N GLU A 85 -0.34 24.64 1.70
CA GLU A 85 -0.87 25.09 0.43
C GLU A 85 0.33 25.32 -0.48
N THR A 86 0.71 24.27 -1.18
CA THR A 86 1.76 24.30 -2.18
C THR A 86 1.11 23.59 -3.35
N SER A 87 1.19 24.21 -4.53
CA SER A 87 0.54 23.62 -5.69
C SER A 87 1.54 23.01 -6.65
N THR A 88 2.79 22.84 -6.22
CA THR A 88 3.82 22.30 -7.09
C THR A 88 3.63 20.79 -7.18
N GLU A 89 3.77 20.26 -8.39
CA GLU A 89 3.52 18.86 -8.63
C GLU A 89 4.68 18.00 -8.12
N VAL A 90 4.36 16.92 -7.42
CA VAL A 90 5.38 15.99 -6.93
C VAL A 90 4.85 14.59 -7.15
N ILE A 91 5.77 13.61 -7.03
CA ILE A 91 5.47 12.19 -7.14
C ILE A 91 5.46 11.65 -5.72
N CYS A 92 4.47 10.83 -5.43
CA CYS A 92 4.31 10.31 -4.08
C CYS A 92 5.39 9.28 -3.77
N PRO A 93 6.18 9.47 -2.72
CA PRO A 93 7.20 8.45 -2.42
C PRO A 93 6.63 7.20 -1.81
N ILE A 94 5.51 7.31 -1.07
CA ILE A 94 4.94 6.12 -0.46
C ILE A 94 4.45 5.17 -1.54
N CYS A 95 3.70 5.69 -2.51
CA CYS A 95 3.22 4.88 -3.63
C CYS A 95 4.36 4.20 -4.37
N ALA A 96 5.45 4.92 -4.60
CA ALA A 96 6.56 4.39 -5.39
C ALA A 96 7.36 3.32 -4.64
N ALA A 97 7.46 3.44 -3.33
CA ALA A 97 8.29 2.54 -2.53
C ALA A 97 7.54 1.29 -2.09
N LEU A 98 6.24 1.15 -2.39
CA LEU A 98 5.52 0.01 -1.92
C LEU A 98 5.27 -0.97 -3.06
N PRO A 99 5.28 -2.28 -2.79
CA PRO A 99 5.21 -3.28 -3.86
C PRO A 99 3.90 -3.22 -4.63
N GLY A 100 4.01 -3.18 -5.96
CA GLY A 100 2.82 -3.05 -6.77
C GLY A 100 2.25 -1.65 -6.80
N GLY A 101 2.78 -0.73 -5.97
CA GLY A 101 2.27 0.61 -5.89
C GLY A 101 2.52 1.36 -7.19
N ASP A 102 1.93 2.54 -7.28
CA ASP A 102 2.05 3.37 -8.48
C ASP A 102 3.45 3.98 -8.48
N PRO A 103 4.31 3.68 -9.47
CA PRO A 103 5.65 4.26 -9.50
C PRO A 103 5.64 5.72 -9.88
N ASN A 104 4.57 6.28 -10.41
CA ASN A 104 4.58 7.68 -10.79
C ASN A 104 3.25 8.32 -10.42
N HIS A 105 2.85 8.30 -9.15
CA HIS A 105 1.62 8.99 -8.79
C HIS A 105 1.90 10.48 -8.66
N VAL A 106 1.57 11.22 -9.69
CA VAL A 106 1.81 12.67 -9.73
C VAL A 106 0.64 13.36 -9.03
N THR A 107 0.96 14.29 -8.17
CA THR A 107 -0.11 15.01 -7.49
C THR A 107 0.29 16.45 -7.29
N ASP A 108 -0.68 17.36 -7.30
CA ASP A 108 -0.44 18.77 -7.01
C ASP A 108 -1.09 19.14 -5.68
N ASP A 109 -1.54 18.15 -4.91
CA ASP A 109 -2.07 18.35 -3.55
C ASP A 109 -1.66 17.12 -2.74
N PHE A 110 -0.38 17.11 -2.34
CA PHE A 110 0.18 15.96 -1.66
C PHE A 110 -0.51 15.71 -0.32
N ALA A 111 -0.76 16.78 0.46
CA ALA A 111 -1.40 16.63 1.78
C ALA A 111 -2.73 15.90 1.65
N ALA A 112 -3.55 16.29 0.67
CA ALA A 112 -4.83 15.64 0.43
C ALA A 112 -4.65 14.20 -0.03
N HIS A 113 -3.66 13.97 -0.88
CA HIS A 113 -3.37 12.62 -1.31
C HIS A 113 -3.03 11.73 -0.14
N LEU A 114 -2.20 12.24 0.77
CA LEU A 114 -1.85 11.44 1.94
C LEU A 114 -3.09 11.12 2.78
N THR A 115 -3.96 12.10 2.98
CA THR A 115 -5.12 11.88 3.85
C THR A 115 -6.08 10.89 3.20
N LEU A 116 -6.24 10.93 1.89
CA LEU A 116 -7.21 10.05 1.27
C LEU A 116 -6.68 8.68 0.87
N GLU A 117 -5.46 8.56 0.40
CA GLU A 117 -4.96 7.29 -0.10
C GLU A 117 -3.97 6.62 0.82
N HIS A 118 -3.54 7.28 1.89
CA HIS A 118 -2.56 6.71 2.82
C HIS A 118 -3.02 6.81 4.28
N ARG A 119 -4.31 6.65 4.52
CA ARG A 119 -4.88 6.80 5.87
C ARG A 119 -4.11 6.00 6.91
N ALA A 120 -3.95 6.60 8.09
CA ALA A 120 -3.19 5.98 9.18
C ALA A 120 -4.10 5.06 9.98
N ARG B 1 -4.38 -12.70 -6.44
CA ARG B 1 -4.08 -12.54 -7.89
C ARG B 1 -3.45 -11.15 -8.01
N OCS B 2 -2.42 -11.04 -8.83
CA OCS B 2 -1.71 -9.81 -9.04
CB OCS B 2 -0.27 -9.91 -8.54
SG OCS B 2 0.69 -8.40 -8.55
C OCS B 2 -1.73 -9.59 -10.51
O OCS B 2 -1.25 -10.44 -11.25
OD1 OCS B 2 -0.19 -7.28 -8.28
OD2 OCS B 2 1.38 -8.24 -9.77
OD3 OCS B 2 1.58 -8.51 -7.42
HB2 OCS B 2 0.19 -10.54 -9.11
HB3 OCS B 2 -0.29 -10.24 -7.63
N LYS B 3 -2.22 -8.46 -11.00
CA LYS B 3 -2.37 -8.42 -12.45
C LYS B 3 -1.25 -7.68 -13.13
N GLY B 4 -0.52 -6.89 -12.35
CA GLY B 4 0.56 -6.08 -12.89
C GLY B 4 1.80 -6.95 -13.08
ZN ZN C . -10.68 -11.47 1.00
ZN ZN D . -1.75 -21.74 -1.29
ZN ZN E . 9.13 18.89 3.77
ZN ZN F . 0.70 7.85 -2.54
#